data_5KBI
#
_entry.id   5KBI
#
_cell.length_a   45.354
_cell.length_b   93.122
_cell.length_c   119.853
_cell.angle_alpha   90.00
_cell.angle_beta   90.00
_cell.angle_gamma   90.00
#
_symmetry.space_group_name_H-M   'P 21 21 21'
#
loop_
_entity.id
_entity.type
_entity.pdbx_description
1 polymer MopR
2 non-polymer 'ZINC ION'
3 non-polymer CATECHOL
4 water water
#
_entity_poly.entity_id   1
_entity_poly.type   'polypeptide(L)'
_entity_poly.pdbx_seq_one_letter_code
;MSPAKDVKVYKKILEQNKDIQDLLDKIVFDAQHGQIWFDENRMLLMHTSILGFLRKDLYQMLGLERTKRFFIRCGYQAGM
RDAEVTSKLRPNLNEAEAFMAGPQMHGIRGMVQVEVNELHLSHDLKQFYADFNWLNSFEAEVHLSEFGASDQPACWMLLG
YACGYSSFVMGQTIIYQETHCVAQGDEHCRIIGKPLSEWENADELIRFMSPDAVSDEIIALQAELNQLK
;
_entity_poly.pdbx_strand_id   A,B
#
loop_
_chem_comp.id
_chem_comp.type
_chem_comp.name
_chem_comp.formula
CAQ non-polymer CATECHOL 'C6 H6 O2'
ZN non-polymer 'ZINC ION' 'Zn 2'
#
# COMPACT_ATOMS: atom_id res chain seq x y z
N GLU A 15 -13.83 -15.66 17.96
CA GLU A 15 -14.51 -16.99 17.78
C GLU A 15 -14.47 -17.62 16.37
N GLN A 16 -14.81 -16.83 15.33
CA GLN A 16 -15.08 -17.35 13.95
C GLN A 16 -13.99 -17.21 12.88
N ASN A 17 -12.78 -16.85 13.29
CA ASN A 17 -11.64 -17.05 12.39
C ASN A 17 -10.85 -18.26 12.81
N LYS A 18 -11.54 -19.38 12.96
CA LYS A 18 -10.91 -20.60 13.41
C LYS A 18 -9.72 -20.97 12.49
N ASP A 19 -9.97 -20.86 11.18
CA ASP A 19 -9.03 -21.31 10.13
C ASP A 19 -8.09 -20.20 9.64
N ILE A 20 -8.45 -18.97 9.98
CA ILE A 20 -7.66 -17.76 9.72
C ILE A 20 -6.60 -17.66 10.83
N GLN A 21 -6.90 -18.21 11.99
CA GLN A 21 -6.20 -17.75 13.15
C GLN A 21 -4.70 -17.85 13.05
N ASP A 22 -4.19 -19.04 12.69
CA ASP A 22 -2.75 -19.32 12.48
C ASP A 22 -1.99 -18.27 11.64
N LEU A 23 -2.74 -17.68 10.70
CA LEU A 23 -2.33 -16.54 9.91
C LEU A 23 -2.29 -15.26 10.77
N LEU A 24 -3.41 -14.91 11.40
CA LEU A 24 -3.47 -13.70 12.23
C LEU A 24 -2.36 -13.76 13.22
N ASP A 25 -2.08 -14.95 13.70
CA ASP A 25 -1.01 -15.18 14.69
C ASP A 25 0.40 -14.75 14.23
N LYS A 26 0.54 -14.44 12.95
CA LYS A 26 1.81 -13.95 12.45
C LYS A 26 1.78 -12.44 12.20
N ILE A 27 0.61 -11.81 12.33
CA ILE A 27 0.48 -10.39 12.08
C ILE A 27 0.68 -9.59 13.37
N VAL A 28 1.71 -8.74 13.40
CA VAL A 28 2.03 -7.94 14.61
C VAL A 28 1.86 -6.42 14.38
N PHE A 29 0.85 -5.83 15.00
CA PHE A 29 0.78 -4.40 15.01
C PHE A 29 1.59 -3.90 16.15
N ASP A 30 2.36 -2.88 15.83
CA ASP A 30 3.26 -2.25 16.74
C ASP A 30 3.15 -0.75 16.47
N ALA A 31 1.96 -0.20 16.63
CA ALA A 31 1.75 1.22 16.43
C ALA A 31 2.80 2.10 17.03
N GLN A 32 3.31 1.69 18.16
CA GLN A 32 4.28 2.49 18.90
C GLN A 32 5.69 2.49 18.32
N HIS A 33 5.95 1.76 17.25
CA HIS A 33 7.28 1.84 16.66
C HIS A 33 7.21 2.01 15.16
N GLY A 34 6.02 2.26 14.64
CA GLY A 34 5.84 2.47 13.21
C GLY A 34 6.08 1.19 12.45
N GLN A 35 5.81 0.06 13.08
CA GLN A 35 5.95 -1.21 12.39
C GLN A 35 4.65 -2.01 12.34
N ILE A 36 4.41 -2.70 11.24
CA ILE A 36 3.44 -3.80 11.18
C ILE A 36 4.10 -5.00 10.51
N TRP A 37 4.01 -6.19 11.10
CA TRP A 37 4.76 -7.35 10.58
C TRP A 37 3.87 -8.46 10.17
N PHE A 38 4.20 -9.12 9.06
CA PHE A 38 3.66 -10.46 8.77
C PHE A 38 4.94 -11.28 8.75
N ASP A 39 5.17 -12.00 9.85
CA ASP A 39 6.35 -12.81 9.94
C ASP A 39 7.56 -11.88 9.80
N GLU A 40 8.45 -12.16 8.86
CA GLU A 40 9.68 -11.39 8.70
C GLU A 40 9.55 -10.05 7.96
N ASN A 41 8.40 -9.81 7.31
CA ASN A 41 8.21 -8.71 6.34
C ASN A 41 7.36 -7.62 6.93
N ARG A 42 7.65 -6.40 6.56
CA ARG A 42 6.82 -5.30 6.98
C ARG A 42 5.54 -5.08 6.12
N MET A 43 4.53 -4.45 6.72
CA MET A 43 3.41 -3.91 5.94
C MET A 43 3.02 -2.48 6.21
N LEU A 44 2.04 -2.03 5.46
CA LEU A 44 1.61 -0.66 5.58
C LEU A 44 0.15 -0.66 5.42
N LEU A 45 -0.53 -0.02 6.33
CA LEU A 45 -1.95 0.13 6.16
C LEU A 45 -2.18 1.28 5.17
N MET A 46 -2.76 1.00 4.02
CA MET A 46 -2.86 2.03 3.01
C MET A 46 -4.28 2.35 2.60
N HIS A 47 -4.52 3.60 2.22
CA HIS A 47 -5.82 3.99 1.69
C HIS A 47 -6.01 3.48 0.31
N THR A 48 -7.16 2.86 0.05
CA THR A 48 -7.43 2.38 -1.30
C THR A 48 -7.50 3.53 -2.26
N SER A 49 -8.21 4.59 -1.91
CA SER A 49 -8.34 5.72 -2.83
C SER A 49 -6.99 6.32 -3.20
N ILE A 50 -5.98 6.13 -2.33
CA ILE A 50 -4.57 6.49 -2.65
C ILE A 50 -4.02 5.53 -3.68
N LEU A 51 -4.36 4.25 -3.57
CA LEU A 51 -4.05 3.33 -4.68
C LEU A 51 -4.70 3.73 -5.98
N GLY A 52 -5.95 4.20 -5.91
CA GLY A 52 -6.68 4.73 -7.08
C GLY A 52 -5.98 5.87 -7.78
N PHE A 53 -5.27 6.68 -7.00
CA PHE A 53 -4.49 7.79 -7.52
C PHE A 53 -3.26 7.26 -8.18
N LEU A 54 -2.55 6.35 -7.51
CA LEU A 54 -1.32 5.77 -8.04
C LEU A 54 -1.62 5.12 -9.38
N ARG A 55 -2.77 4.45 -9.48
CA ARG A 55 -3.21 3.83 -10.74
C ARG A 55 -3.46 4.89 -11.86
N LYS A 56 -4.23 5.94 -11.58
CA LYS A 56 -4.46 6.98 -12.59
C LYS A 56 -3.20 7.77 -12.98
N ASP A 57 -2.37 8.13 -11.99
CA ASP A 57 -1.08 8.77 -12.27
C ASP A 57 -0.17 7.86 -13.08
N LEU A 58 -0.13 6.56 -12.77
CA LEU A 58 0.71 5.71 -13.58
C LEU A 58 0.16 5.68 -14.99
N TYR A 59 -1.15 5.57 -15.10
CA TYR A 59 -1.75 5.42 -16.41
C TYR A 59 -1.38 6.66 -17.18
N GLN A 60 -1.47 7.83 -16.54
CA GLN A 60 -1.07 9.11 -17.19
C GLN A 60 0.37 9.23 -17.65
N MET A 61 1.33 8.87 -16.79
CA MET A 61 2.75 8.75 -17.16
C MET A 61 3.05 7.64 -18.19
N LEU A 62 2.60 6.41 -17.98
CA LEU A 62 2.93 5.31 -18.88
C LEU A 62 1.72 4.90 -19.71
N GLY A 63 1.75 3.68 -20.24
CA GLY A 63 0.57 3.15 -20.92
C GLY A 63 -0.55 2.70 -20.00
N LEU A 64 -1.67 2.32 -20.61
CA LEU A 64 -2.62 1.43 -19.98
C LEU A 64 -1.80 0.20 -19.86
N GLU A 65 -0.95 -0.05 -20.85
CA GLU A 65 -0.23 -1.30 -20.93
C GLU A 65 0.88 -1.40 -19.91
N ARG A 66 1.69 -0.35 -19.80
CA ARG A 66 2.74 -0.44 -18.79
C ARG A 66 2.19 -0.42 -17.36
N THR A 67 1.10 0.34 -17.14
CA THR A 67 0.44 0.39 -15.85
C THR A 67 -0.11 -0.96 -15.44
N LYS A 68 -0.97 -1.50 -16.30
CA LYS A 68 -1.48 -2.86 -16.18
C LYS A 68 -0.34 -3.76 -15.73
N ARG A 69 0.78 -3.68 -16.47
CA ARG A 69 1.90 -4.60 -16.31
C ARG A 69 2.52 -4.47 -14.95
N PHE A 70 2.52 -3.26 -14.43
CA PHE A 70 3.10 -2.99 -13.11
C PHE A 70 2.26 -3.62 -12.01
N PHE A 71 0.97 -3.33 -11.97
CA PHE A 71 0.12 -3.88 -10.94
C PHE A 71 0.09 -5.39 -10.88
N ILE A 72 0.10 -6.02 -12.05
CA ILE A 72 0.23 -7.46 -12.12
C ILE A 72 1.56 -7.98 -11.55
N ARG A 73 2.68 -7.40 -11.99
CA ARG A 73 3.98 -7.91 -11.55
C ARG A 73 4.07 -7.75 -10.05
N CYS A 74 3.48 -6.64 -9.58
CA CYS A 74 3.40 -6.31 -8.18
C CYS A 74 2.71 -7.40 -7.43
N GLY A 75 1.56 -7.78 -7.97
CA GLY A 75 0.69 -8.72 -7.32
C GLY A 75 1.36 -10.06 -7.31
N TYR A 76 1.91 -10.44 -8.46
CA TYR A 76 2.65 -11.70 -8.58
C TYR A 76 3.65 -11.80 -7.40
N GLN A 77 4.49 -10.77 -7.24
CA GLN A 77 5.35 -10.62 -6.05
C GLN A 77 4.68 -10.79 -4.66
N ALA A 78 3.76 -9.90 -4.29
CA ALA A 78 3.04 -10.11 -3.06
C ALA A 78 2.63 -11.58 -2.87
N GLY A 79 2.24 -12.28 -3.96
CA GLY A 79 1.59 -13.58 -3.84
C GLY A 79 2.65 -14.58 -3.52
N MET A 80 3.73 -14.49 -4.28
CA MET A 80 4.89 -15.31 -4.02
C MET A 80 5.42 -15.10 -2.63
N ARG A 81 5.58 -13.87 -2.18
CA ARG A 81 6.03 -13.72 -0.83
C ARG A 81 5.06 -14.38 0.18
N ASP A 82 3.76 -14.20 0.04
CA ASP A 82 2.83 -14.77 1.02
C ASP A 82 2.92 -16.27 1.03
N ALA A 83 3.17 -16.84 -0.14
CA ALA A 83 3.28 -18.28 -0.25
C ALA A 83 4.58 -18.75 0.39
N GLU A 84 5.65 -17.97 0.28
CA GLU A 84 6.88 -18.25 1.02
C GLU A 84 6.52 -18.30 2.49
N VAL A 85 5.98 -17.20 3.00
CA VAL A 85 5.50 -17.13 4.37
C VAL A 85 4.62 -18.32 4.79
N THR A 86 3.44 -18.46 4.18
CA THR A 86 2.45 -19.52 4.56
C THR A 86 2.90 -20.95 4.21
N SER A 87 3.96 -21.04 3.40
CA SER A 87 4.62 -22.32 3.09
C SER A 87 4.83 -23.27 4.28
N LYS A 88 5.74 -22.92 5.20
CA LYS A 88 6.10 -23.85 6.27
C LYS A 88 5.02 -23.83 7.36
N LEU A 89 3.78 -23.56 6.95
CA LEU A 89 2.76 -23.20 7.92
C LEU A 89 1.58 -24.16 8.17
N ARG A 90 1.23 -25.04 7.22
CA ARG A 90 0.17 -26.03 7.50
C ARG A 90 0.50 -27.49 7.13
N PRO A 91 1.71 -27.99 7.52
CA PRO A 91 2.15 -29.31 7.01
C PRO A 91 1.32 -30.49 7.50
N ASN A 92 0.67 -30.33 8.67
CA ASN A 92 -0.43 -31.20 9.15
C ASN A 92 -1.54 -31.43 8.11
N LEU A 93 -1.87 -30.37 7.37
CA LEU A 93 -3.02 -30.36 6.48
C LEU A 93 -2.70 -30.93 5.09
N ASN A 94 -3.66 -30.81 4.19
CA ASN A 94 -3.42 -31.24 2.81
C ASN A 94 -3.34 -30.06 1.89
N GLU A 95 -3.07 -30.37 0.64
CA GLU A 95 -2.93 -29.37 -0.36
C GLU A 95 -4.07 -28.40 -0.25
N ALA A 96 -5.32 -28.85 -0.35
CA ALA A 96 -6.43 -27.90 -0.50
C ALA A 96 -6.52 -26.92 0.63
N GLU A 97 -6.38 -27.44 1.85
CA GLU A 97 -6.52 -26.64 3.08
C GLU A 97 -5.35 -25.70 3.29
N ALA A 98 -4.15 -26.11 2.86
CA ALA A 98 -3.01 -25.23 2.92
C ALA A 98 -3.14 -24.14 1.85
N PHE A 99 -3.31 -24.53 0.60
CA PHE A 99 -3.58 -23.55 -0.47
C PHE A 99 -4.50 -22.40 -0.09
N MET A 100 -5.57 -22.77 0.57
CA MET A 100 -6.49 -21.78 1.02
C MET A 100 -5.85 -20.55 1.69
N ALA A 101 -4.75 -20.74 2.40
CA ALA A 101 -4.06 -19.64 3.07
C ALA A 101 -4.08 -18.40 2.17
N GLY A 102 -3.79 -18.65 0.89
CA GLY A 102 -3.74 -17.62 -0.13
C GLY A 102 -5.01 -16.80 -0.11
N PRO A 103 -6.13 -17.39 -0.55
CA PRO A 103 -7.42 -16.68 -0.59
C PRO A 103 -7.81 -16.05 0.73
N GLN A 104 -7.39 -16.68 1.82
CA GLN A 104 -7.59 -16.12 3.14
C GLN A 104 -6.77 -14.84 3.39
N MET A 105 -5.55 -14.81 2.89
CA MET A 105 -4.68 -13.66 3.02
C MET A 105 -5.18 -12.45 2.30
N HIS A 106 -5.70 -12.67 1.13
CA HIS A 106 -6.38 -11.62 0.43
C HIS A 106 -7.54 -11.01 1.17
N GLY A 107 -8.22 -11.82 1.97
CA GLY A 107 -9.25 -11.32 2.87
C GLY A 107 -8.60 -10.51 3.96
N ILE A 108 -7.73 -11.17 4.73
CA ILE A 108 -6.91 -10.55 5.77
C ILE A 108 -6.37 -9.15 5.40
N ARG A 109 -5.80 -8.99 4.22
CA ARG A 109 -5.30 -7.70 3.78
C ARG A 109 -6.41 -6.75 3.27
N GLY A 110 -7.65 -7.19 3.34
CA GLY A 110 -8.76 -6.36 2.98
C GLY A 110 -8.86 -5.97 1.52
N MET A 111 -8.43 -6.89 0.66
CA MET A 111 -8.33 -6.62 -0.76
C MET A 111 -9.46 -7.23 -1.51
N VAL A 112 -9.78 -8.45 -1.12
CA VAL A 112 -10.86 -9.16 -1.77
C VAL A 112 -11.33 -10.38 -0.98
N GLN A 113 -12.63 -10.67 -1.15
CA GLN A 113 -13.28 -11.81 -0.57
C GLN A 113 -13.38 -12.98 -1.53
N VAL A 114 -12.64 -14.04 -1.22
CA VAL A 114 -12.65 -15.19 -2.12
C VAL A 114 -13.68 -16.24 -1.77
N GLU A 115 -14.37 -16.75 -2.77
CA GLU A 115 -15.43 -17.71 -2.55
C GLU A 115 -15.21 -18.82 -3.56
N VAL A 116 -15.15 -20.06 -3.09
CA VAL A 116 -14.73 -21.15 -3.97
C VAL A 116 -15.90 -21.85 -4.69
N ASN A 117 -16.09 -21.63 -6.00
CA ASN A 117 -16.91 -22.55 -6.80
C ASN A 117 -16.19 -23.90 -7.05
N GLU A 118 -14.91 -23.91 -7.38
CA GLU A 118 -14.26 -25.20 -7.65
C GLU A 118 -12.77 -25.22 -7.42
N LEU A 119 -12.28 -26.18 -6.68
CA LEU A 119 -10.82 -26.30 -6.64
C LEU A 119 -10.31 -27.75 -6.64
N HIS A 120 -9.41 -28.05 -7.57
CA HIS A 120 -8.85 -29.37 -7.74
C HIS A 120 -7.42 -29.15 -7.93
N LEU A 121 -6.58 -29.74 -7.10
CA LEU A 121 -5.17 -29.50 -7.29
C LEU A 121 -4.39 -30.67 -6.82
N SER A 122 -3.23 -30.85 -7.44
CA SER A 122 -2.23 -31.77 -6.93
C SER A 122 -0.81 -31.53 -7.51
N HIS A 123 0.07 -31.01 -6.64
CA HIS A 123 1.49 -30.89 -6.92
C HIS A 123 1.99 -32.00 -7.80
N ASP A 124 1.86 -33.24 -7.35
CA ASP A 124 2.56 -34.34 -8.01
C ASP A 124 1.96 -34.69 -9.34
N LEU A 125 0.66 -34.41 -9.46
CA LEU A 125 -0.01 -34.63 -10.74
C LEU A 125 0.16 -33.43 -11.66
N LYS A 126 0.61 -32.31 -11.10
CA LYS A 126 0.85 -31.09 -11.88
C LYS A 126 -0.49 -30.68 -12.50
N GLN A 127 -1.50 -30.65 -11.65
CA GLN A 127 -2.80 -30.42 -12.09
C GLN A 127 -3.36 -29.45 -11.13
N PHE A 128 -4.02 -28.46 -11.70
CA PHE A 128 -4.62 -27.38 -10.96
C PHE A 128 -5.76 -26.83 -11.78
N TYR A 129 -6.87 -26.56 -11.12
CA TYR A 129 -7.96 -25.87 -11.77
C TYR A 129 -8.66 -25.15 -10.67
N ALA A 130 -8.76 -23.84 -10.78
CA ALA A 130 -9.49 -23.11 -9.80
C ALA A 130 -10.54 -22.22 -10.42
N ASP A 131 -11.69 -22.20 -9.79
CA ASP A 131 -12.66 -21.26 -10.17
C ASP A 131 -13.23 -20.70 -8.91
N PHE A 132 -13.00 -19.39 -8.68
CA PHE A 132 -13.46 -18.61 -7.50
C PHE A 132 -14.19 -17.36 -7.87
N ASN A 133 -15.07 -16.90 -6.98
CA ASN A 133 -15.67 -15.59 -7.09
C ASN A 133 -14.90 -14.63 -6.22
N TRP A 134 -14.50 -13.52 -6.80
CA TRP A 134 -13.99 -12.41 -6.02
C TRP A 134 -15.14 -11.53 -5.69
N LEU A 135 -15.37 -11.27 -4.40
CA LEU A 135 -16.41 -10.38 -3.97
C LEU A 135 -15.84 -9.14 -3.26
N ASN A 136 -16.37 -7.97 -3.58
CA ASN A 136 -15.99 -6.76 -2.87
C ASN A 136 -14.55 -6.38 -3.17
N SER A 137 -14.11 -6.56 -4.43
CA SER A 137 -12.76 -6.20 -4.83
C SER A 137 -12.60 -4.72 -4.69
N PHE A 138 -11.49 -4.30 -4.10
CA PHE A 138 -11.26 -2.86 -3.93
C PHE A 138 -10.90 -2.30 -5.29
N GLU A 139 -10.22 -3.14 -6.07
CA GLU A 139 -9.54 -2.74 -7.30
C GLU A 139 -10.59 -2.29 -8.29
N ALA A 140 -11.61 -3.11 -8.45
CA ALA A 140 -12.75 -2.76 -9.25
C ALA A 140 -13.39 -1.45 -8.76
N GLU A 141 -13.47 -1.27 -7.45
CA GLU A 141 -14.13 -0.10 -6.88
C GLU A 141 -13.34 1.15 -7.18
N VAL A 142 -12.03 1.10 -6.95
CA VAL A 142 -11.18 2.27 -7.18
C VAL A 142 -11.12 2.62 -8.67
N HIS A 143 -11.16 1.57 -9.51
CA HIS A 143 -10.99 1.74 -10.94
C HIS A 143 -12.16 2.41 -11.55
N LEU A 144 -13.35 2.13 -11.02
CA LEU A 144 -14.59 2.86 -11.39
C LEU A 144 -14.47 4.38 -11.15
N SER A 145 -14.04 4.82 -9.95
CA SER A 145 -13.86 6.27 -9.65
C SER A 145 -13.05 6.92 -10.70
N GLU A 146 -11.85 6.41 -10.89
CA GLU A 146 -10.88 7.04 -11.77
C GLU A 146 -11.18 6.85 -13.25
N PHE A 147 -11.85 5.76 -13.63
CA PHE A 147 -12.10 5.48 -15.06
C PHE A 147 -13.55 5.31 -15.50
N GLY A 148 -14.44 4.94 -14.61
CA GLY A 148 -15.80 4.60 -15.01
C GLY A 148 -15.88 3.20 -15.59
N ALA A 149 -17.04 2.85 -16.15
CA ALA A 149 -17.24 1.51 -16.67
C ALA A 149 -16.07 1.17 -17.60
N SER A 150 -15.33 0.10 -17.27
CA SER A 150 -14.24 -0.40 -18.10
C SER A 150 -14.76 -1.35 -19.21
N ASP A 151 -13.87 -1.67 -20.12
CA ASP A 151 -14.17 -2.37 -21.33
C ASP A 151 -13.46 -3.71 -21.20
N GLN A 152 -12.54 -3.77 -20.24
CA GLN A 152 -11.81 -5.00 -19.87
C GLN A 152 -11.90 -5.18 -18.33
N PRO A 153 -11.47 -6.35 -17.78
CA PRO A 153 -11.51 -6.46 -16.33
C PRO A 153 -10.47 -5.55 -15.70
N ALA A 154 -10.68 -5.07 -14.47
CA ALA A 154 -9.73 -4.18 -13.80
C ALA A 154 -8.77 -4.80 -12.74
N CYS A 155 -9.03 -6.03 -12.31
CA CYS A 155 -8.40 -6.54 -11.11
C CYS A 155 -7.01 -7.16 -11.27
N TRP A 156 -6.15 -6.38 -11.91
CA TRP A 156 -4.80 -6.72 -12.23
C TRP A 156 -3.95 -7.17 -11.07
N MET A 157 -4.01 -6.42 -9.97
CA MET A 157 -3.11 -6.66 -8.86
C MET A 157 -3.49 -7.96 -8.19
N LEU A 158 -4.76 -8.00 -7.76
CA LEU A 158 -5.42 -9.19 -7.26
C LEU A 158 -5.14 -10.38 -8.16
N LEU A 159 -5.07 -10.15 -9.47
CA LEU A 159 -4.96 -11.24 -10.41
C LEU A 159 -3.51 -11.69 -10.48
N GLY A 160 -2.56 -10.74 -10.38
CA GLY A 160 -1.12 -11.04 -10.31
C GLY A 160 -0.81 -11.83 -9.05
N TYR A 161 -1.42 -11.39 -7.97
CA TYR A 161 -1.23 -12.04 -6.71
C TYR A 161 -1.75 -13.43 -6.83
N ALA A 162 -2.95 -13.56 -7.39
CA ALA A 162 -3.53 -14.88 -7.64
C ALA A 162 -2.53 -15.85 -8.33
N CYS A 163 -2.01 -15.42 -9.47
CA CYS A 163 -1.08 -16.22 -10.26
C CYS A 163 0.17 -16.50 -9.47
N GLY A 164 0.66 -15.49 -8.74
CA GLY A 164 1.87 -15.62 -7.95
C GLY A 164 1.76 -16.65 -6.84
N TYR A 165 0.81 -16.44 -5.94
CA TYR A 165 0.57 -17.33 -4.84
C TYR A 165 0.52 -18.77 -5.35
N SER A 166 -0.38 -19.00 -6.29
CA SER A 166 -0.63 -20.32 -6.84
C SER A 166 0.61 -20.92 -7.40
N SER A 167 1.33 -20.16 -8.22
CA SER A 167 2.50 -20.64 -8.94
C SER A 167 3.56 -21.03 -7.98
N PHE A 168 3.59 -20.38 -6.84
CA PHE A 168 4.54 -20.80 -5.83
C PHE A 168 4.13 -22.17 -5.33
N VAL A 169 2.84 -22.34 -5.08
CA VAL A 169 2.39 -23.49 -4.36
C VAL A 169 2.58 -24.77 -5.13
N MET A 170 2.05 -24.82 -6.34
CA MET A 170 2.46 -25.86 -7.29
C MET A 170 3.83 -25.43 -7.76
N GLY A 171 4.58 -26.30 -8.37
CA GLY A 171 5.92 -25.87 -8.70
C GLY A 171 5.89 -25.40 -10.12
N GLN A 172 4.73 -24.95 -10.56
CA GLN A 172 4.58 -24.60 -11.95
C GLN A 172 3.83 -23.33 -12.08
N THR A 173 3.85 -22.77 -13.27
CA THR A 173 3.24 -21.48 -13.54
C THR A 173 1.73 -21.54 -13.61
N ILE A 174 1.01 -21.05 -12.62
CA ILE A 174 -0.44 -21.07 -12.77
C ILE A 174 -0.97 -19.73 -13.26
N ILE A 175 -1.76 -19.72 -14.33
CA ILE A 175 -2.34 -18.43 -14.87
C ILE A 175 -3.86 -18.24 -14.65
N TYR A 176 -4.32 -17.05 -14.24
CA TYR A 176 -5.79 -16.79 -14.12
C TYR A 176 -6.39 -15.85 -15.15
N GLN A 177 -7.61 -16.13 -15.57
CA GLN A 177 -8.38 -15.14 -16.39
C GLN A 177 -9.52 -14.56 -15.57
N GLU A 178 -9.58 -13.23 -15.46
CA GLU A 178 -10.77 -12.61 -14.80
C GLU A 178 -11.96 -12.68 -15.80
N THR A 179 -12.84 -13.65 -15.62
CA THR A 179 -14.01 -13.89 -16.46
C THR A 179 -15.11 -12.84 -16.34
N HIS A 180 -15.39 -12.31 -15.14
CA HIS A 180 -16.37 -11.24 -14.97
C HIS A 180 -15.82 -10.31 -13.97
N CYS A 181 -16.07 -9.02 -14.16
CA CYS A 181 -15.51 -8.01 -13.26
C CYS A 181 -16.51 -6.89 -12.90
N VAL A 182 -16.57 -6.54 -11.62
CA VAL A 182 -17.43 -5.47 -11.21
C VAL A 182 -17.15 -4.23 -12.07
N ALA A 183 -15.90 -4.14 -12.56
CA ALA A 183 -15.51 -2.98 -13.34
C ALA A 183 -16.34 -2.93 -14.57
N GLN A 184 -16.58 -4.10 -15.14
CA GLN A 184 -17.35 -4.23 -16.37
C GLN A 184 -18.87 -4.25 -16.14
N GLY A 185 -19.35 -4.15 -14.91
CA GLY A 185 -20.79 -4.09 -14.67
C GLY A 185 -21.37 -5.38 -14.13
N ASP A 186 -20.59 -6.46 -14.21
CA ASP A 186 -20.93 -7.77 -13.62
C ASP A 186 -21.21 -7.70 -12.13
N GLU A 187 -22.15 -8.50 -11.61
CA GLU A 187 -22.52 -8.41 -10.18
C GLU A 187 -21.32 -8.66 -9.23
N HIS A 188 -20.54 -9.70 -9.48
CA HIS A 188 -19.38 -9.94 -8.69
C HIS A 188 -18.32 -10.10 -9.70
N CYS A 189 -17.08 -10.33 -9.28
CA CYS A 189 -15.94 -10.53 -10.18
C CYS A 189 -15.77 -12.04 -10.24
N ARG A 190 -15.18 -12.60 -11.30
CA ARG A 190 -14.84 -14.00 -11.22
C ARG A 190 -13.60 -14.42 -12.02
N ILE A 191 -12.79 -15.28 -11.41
CA ILE A 191 -11.58 -15.78 -12.05
C ILE A 191 -11.55 -17.28 -12.22
N ILE A 192 -10.68 -17.69 -13.15
CA ILE A 192 -10.42 -19.10 -13.46
C ILE A 192 -8.89 -19.31 -13.60
N GLY A 193 -8.35 -20.41 -13.05
CA GLY A 193 -6.88 -20.58 -13.04
C GLY A 193 -6.49 -21.98 -13.45
N LYS A 194 -5.62 -22.08 -14.45
CA LYS A 194 -5.17 -23.38 -14.97
C LYS A 194 -3.72 -23.20 -15.34
N PRO A 195 -2.90 -24.29 -15.27
CA PRO A 195 -1.50 -24.24 -15.69
C PRO A 195 -1.37 -23.60 -17.05
N LEU A 196 -0.27 -22.88 -17.26
CA LEU A 196 -0.12 -22.05 -18.43
C LEU A 196 -0.60 -22.78 -19.69
N SER A 197 -0.07 -23.98 -19.90
CA SER A 197 -0.30 -24.74 -21.11
C SER A 197 -1.75 -25.23 -21.29
N GLU A 198 -2.53 -25.35 -20.23
CA GLU A 198 -3.88 -25.88 -20.41
C GLU A 198 -4.79 -24.78 -20.94
N TRP A 199 -4.13 -23.73 -21.44
CA TRP A 199 -4.77 -22.62 -22.11
C TRP A 199 -4.51 -22.70 -23.60
N GLU A 200 -5.53 -23.13 -24.36
CA GLU A 200 -5.49 -23.15 -25.84
C GLU A 200 -6.64 -22.31 -26.43
N PRO A 211 13.92 -15.41 -17.40
CA PRO A 211 12.72 -14.88 -18.06
C PRO A 211 11.38 -15.24 -17.36
N ASP A 212 11.05 -14.59 -16.23
CA ASP A 212 9.71 -14.80 -15.58
C ASP A 212 8.81 -13.54 -15.41
N ALA A 213 8.63 -12.81 -16.53
CA ALA A 213 7.45 -11.97 -16.73
C ALA A 213 6.39 -12.88 -17.36
N VAL A 214 5.64 -13.49 -16.44
CA VAL A 214 4.41 -14.22 -16.69
C VAL A 214 3.26 -13.20 -16.85
N SER A 215 3.64 -11.98 -16.49
CA SER A 215 2.94 -10.75 -16.74
C SER A 215 2.44 -10.62 -18.20
N ASP A 216 3.27 -11.00 -19.17
CA ASP A 216 2.85 -10.88 -20.58
C ASP A 216 1.81 -11.88 -21.08
N GLU A 217 1.79 -13.11 -20.55
CA GLU A 217 0.76 -14.11 -20.89
C GLU A 217 -0.62 -13.70 -20.41
N ILE A 218 -0.69 -13.22 -19.17
CA ILE A 218 -1.93 -12.69 -18.61
C ILE A 218 -2.58 -11.62 -19.52
N ILE A 219 -1.78 -10.69 -20.01
CA ILE A 219 -2.35 -9.66 -20.86
C ILE A 219 -2.69 -10.22 -22.24
N ALA A 220 -1.78 -11.05 -22.79
CA ALA A 220 -1.98 -11.73 -24.07
C ALA A 220 -3.24 -12.59 -24.07
N LEU A 221 -3.63 -13.12 -22.91
CA LEU A 221 -4.80 -14.04 -22.84
C LEU A 221 -6.14 -13.33 -22.85
N GLN A 222 -6.35 -12.44 -21.90
CA GLN A 222 -7.49 -11.52 -21.89
C GLN A 222 -7.65 -10.80 -23.27
N ALA A 223 -6.56 -10.74 -24.04
CA ALA A 223 -6.60 -10.32 -25.43
C ALA A 223 -7.07 -11.46 -26.35
N GLU A 224 -6.26 -12.50 -26.51
CA GLU A 224 -6.58 -13.60 -27.41
C GLU A 224 -7.62 -14.58 -26.93
N LEU A 225 -8.52 -14.12 -26.09
CA LEU A 225 -9.85 -14.71 -25.86
C LEU A 225 -10.91 -13.57 -25.75
N ASN A 226 -11.21 -12.96 -26.90
CA ASN A 226 -12.07 -11.75 -27.02
C ASN A 226 -13.32 -11.79 -26.12
N GLN B 16 -4.04 0.29 27.61
CA GLN B 16 -2.54 0.30 27.63
C GLN B 16 -2.03 1.66 27.10
N ASN B 17 -1.66 1.72 25.82
CA ASN B 17 -1.24 2.98 25.13
C ASN B 17 -2.44 3.88 24.63
N LYS B 18 -2.90 4.73 25.55
CA LYS B 18 -4.18 5.42 25.43
C LYS B 18 -4.11 6.73 24.65
N ASP B 19 -3.05 6.96 23.90
CA ASP B 19 -2.91 8.25 23.23
C ASP B 19 -3.35 8.15 21.79
N ILE B 20 -3.73 6.96 21.40
CA ILE B 20 -3.80 6.55 20.02
C ILE B 20 -5.17 5.93 19.84
N GLN B 21 -5.93 5.89 20.93
CA GLN B 21 -7.15 5.12 20.97
C GLN B 21 -8.20 5.69 20.08
N ASP B 22 -8.35 7.01 20.12
CA ASP B 22 -9.39 7.65 19.33
C ASP B 22 -9.09 7.42 17.83
N LEU B 23 -7.90 6.88 17.57
CA LEU B 23 -7.51 6.48 16.23
C LEU B 23 -7.76 4.99 16.01
N LEU B 24 -7.10 4.12 16.78
CA LEU B 24 -7.28 2.63 16.66
C LEU B 24 -8.70 2.20 16.59
N ASP B 25 -9.56 2.98 17.21
CA ASP B 25 -10.98 2.73 17.31
C ASP B 25 -11.68 2.81 16.00
N LYS B 26 -11.18 3.68 15.13
CA LYS B 26 -11.90 4.03 13.93
C LYS B 26 -11.53 3.00 12.86
N ILE B 27 -10.78 1.97 13.32
CA ILE B 27 -10.25 0.90 12.49
C ILE B 27 -10.91 -0.44 12.75
N VAL B 28 -11.48 -1.04 11.71
CA VAL B 28 -12.12 -2.34 11.79
C VAL B 28 -11.59 -3.34 10.76
N PHE B 29 -11.34 -4.56 11.22
CA PHE B 29 -10.83 -5.61 10.36
C PHE B 29 -11.82 -6.73 10.06
N ASP B 30 -12.58 -6.58 8.99
CA ASP B 30 -13.52 -7.61 8.51
C ASP B 30 -12.83 -8.55 7.52
N ALA B 31 -12.02 -9.47 8.03
CA ALA B 31 -11.28 -10.43 7.22
C ALA B 31 -12.15 -11.42 6.43
N GLN B 32 -13.39 -11.56 6.86
CA GLN B 32 -14.31 -12.52 6.27
C GLN B 32 -14.75 -11.95 4.92
N HIS B 33 -15.13 -10.67 4.93
CA HIS B 33 -15.59 -10.00 3.71
C HIS B 33 -14.52 -9.18 3.06
N GLY B 34 -13.30 -9.35 3.55
CA GLY B 34 -12.11 -8.75 2.95
C GLY B 34 -12.15 -7.24 2.90
N GLN B 35 -12.69 -6.59 3.93
CA GLN B 35 -12.64 -5.14 4.00
C GLN B 35 -11.92 -4.64 5.24
N ILE B 36 -11.07 -3.62 5.10
CA ILE B 36 -10.48 -3.02 6.28
C ILE B 36 -10.84 -1.59 6.20
N TRP B 37 -11.22 -1.06 7.37
CA TRP B 37 -11.98 0.16 7.48
C TRP B 37 -11.39 1.28 8.32
N PHE B 38 -11.38 2.48 7.76
CA PHE B 38 -11.06 3.66 8.52
C PHE B 38 -12.23 4.62 8.36
N ASP B 39 -13.09 4.73 9.38
CA ASP B 39 -14.32 5.52 9.22
C ASP B 39 -14.98 5.25 7.88
N GLU B 40 -15.20 6.30 7.11
CA GLU B 40 -15.64 6.18 5.72
C GLU B 40 -14.67 5.33 4.85
N ASN B 41 -13.39 5.72 4.87
CA ASN B 41 -12.35 5.10 4.02
C ASN B 41 -12.07 3.60 4.21
N ARG B 42 -11.71 2.98 3.11
CA ARG B 42 -11.47 1.56 3.08
C ARG B 42 -9.97 1.31 2.91
N MET B 43 -9.42 0.34 3.63
CA MET B 43 -7.99 0.29 3.65
C MET B 43 -7.37 -1.04 3.29
N LEU B 44 -6.10 -0.99 2.97
CA LEU B 44 -5.38 -2.14 2.47
C LEU B 44 -4.17 -2.44 3.32
N LEU B 45 -3.99 -3.68 3.70
CA LEU B 45 -2.72 -4.01 4.31
C LEU B 45 -1.82 -4.61 3.24
N MET B 46 -0.65 -3.98 3.01
CA MET B 46 0.18 -4.22 1.81
C MET B 46 1.63 -4.51 2.10
N HIS B 47 2.27 -5.20 1.15
CA HIS B 47 3.69 -5.47 1.24
C HIS B 47 4.41 -4.22 0.92
N THR B 48 5.65 -4.06 1.40
CA THR B 48 6.38 -2.83 1.04
C THR B 48 7.02 -3.04 -0.31
N SER B 49 6.87 -4.26 -0.81
CA SER B 49 7.32 -4.61 -2.16
C SER B 49 6.70 -3.75 -3.27
N ILE B 50 5.40 -3.53 -3.24
CA ILE B 50 4.79 -2.63 -4.21
C ILE B 50 5.46 -1.25 -4.28
N LEU B 51 5.99 -0.78 -3.15
CA LEU B 51 6.66 0.50 -3.14
C LEU B 51 8.11 0.44 -3.56
N GLY B 52 8.77 -0.68 -3.27
CA GLY B 52 10.11 -0.95 -3.77
C GLY B 52 10.09 -1.08 -5.27
N PHE B 53 9.33 -2.05 -5.75
CA PHE B 53 9.12 -2.18 -7.18
C PHE B 53 8.87 -0.85 -7.84
N LEU B 54 7.90 -0.08 -7.33
CA LEU B 54 7.52 1.14 -7.99
C LEU B 54 8.75 2.01 -8.08
N ARG B 55 9.42 2.17 -6.96
CA ARG B 55 10.76 2.78 -6.90
C ARG B 55 11.75 2.25 -7.94
N LYS B 56 11.92 0.93 -8.10
CA LYS B 56 12.89 0.47 -9.12
C LYS B 56 12.48 0.81 -10.55
N ASP B 57 11.24 0.45 -10.91
CA ASP B 57 10.63 0.80 -12.22
C ASP B 57 10.80 2.29 -12.52
N LEU B 58 10.15 3.15 -11.74
CA LEU B 58 10.28 4.60 -11.95
C LEU B 58 11.72 5.13 -12.06
N TYR B 59 12.60 4.62 -11.20
CA TYR B 59 13.97 5.07 -11.21
C TYR B 59 14.59 4.92 -12.58
N GLN B 60 14.25 3.84 -13.26
CA GLN B 60 14.89 3.58 -14.52
C GLN B 60 14.09 4.02 -15.74
N MET B 61 12.82 4.36 -15.55
CA MET B 61 12.04 4.83 -16.66
C MET B 61 12.13 6.35 -16.70
N LEU B 62 12.16 7.00 -15.53
CA LEU B 62 12.27 8.46 -15.44
C LEU B 62 13.49 8.78 -14.58
N GLY B 63 13.87 10.04 -14.49
CA GLY B 63 14.98 10.39 -13.63
C GLY B 63 14.82 10.00 -12.15
N LEU B 64 15.84 10.28 -11.37
CA LEU B 64 15.70 10.16 -9.93
C LEU B 64 14.79 11.31 -9.51
N GLU B 65 15.06 12.52 -10.01
CA GLU B 65 14.21 13.71 -9.73
C GLU B 65 12.71 13.44 -9.94
N ARG B 66 12.38 12.90 -11.09
CA ARG B 66 11.02 12.51 -11.39
C ARG B 66 10.44 11.45 -10.42
N THR B 67 11.23 10.43 -10.10
CA THR B 67 10.81 9.33 -9.19
C THR B 67 10.57 9.92 -7.78
N LYS B 68 11.50 10.78 -7.36
CA LYS B 68 11.45 11.42 -6.08
C LYS B 68 10.23 12.27 -5.97
N ARG B 69 9.90 12.98 -7.05
CA ARG B 69 8.78 13.92 -7.02
C ARG B 69 7.51 13.13 -6.93
N PHE B 70 7.29 12.24 -7.87
CA PHE B 70 6.15 11.35 -7.77
C PHE B 70 5.90 10.82 -6.36
N PHE B 71 6.95 10.40 -5.68
CA PHE B 71 6.79 9.86 -4.33
C PHE B 71 6.36 10.83 -3.27
N ILE B 72 6.84 12.06 -3.37
CA ILE B 72 6.39 13.07 -2.48
C ILE B 72 4.91 13.27 -2.79
N ARG B 73 4.55 13.33 -4.08
CA ARG B 73 3.16 13.63 -4.48
C ARG B 73 2.23 12.61 -3.92
N CYS B 74 2.67 11.35 -3.96
N CYS B 74 2.64 11.34 -3.94
CA CYS B 74 1.87 10.30 -3.44
CA CYS B 74 1.81 10.28 -3.40
C CYS B 74 1.75 10.46 -1.93
C CYS B 74 1.74 10.42 -1.89
N GLY B 75 2.88 10.73 -1.26
CA GLY B 75 2.93 10.89 0.20
C GLY B 75 2.03 12.04 0.62
N TYR B 76 2.08 13.13 -0.12
CA TYR B 76 1.24 14.28 0.11
C TYR B 76 -0.29 13.98 0.08
N GLN B 77 -0.75 13.18 -0.90
CA GLN B 77 -2.16 12.81 -1.00
C GLN B 77 -2.68 12.04 0.21
N ALA B 78 -1.88 11.13 0.73
CA ALA B 78 -2.23 10.37 1.92
C ALA B 78 -2.21 11.20 3.18
N GLY B 79 -1.28 12.18 3.25
CA GLY B 79 -1.17 13.12 4.40
C GLY B 79 -2.45 13.93 4.44
N MET B 80 -2.81 14.48 3.29
CA MET B 80 -4.02 15.24 3.13
C MET B 80 -5.29 14.44 3.41
N ARG B 81 -5.27 13.14 3.13
CA ARG B 81 -6.46 12.35 3.42
C ARG B 81 -6.64 12.15 4.94
N ASP B 82 -5.64 11.63 5.63
CA ASP B 82 -5.70 11.47 7.09
C ASP B 82 -6.05 12.79 7.76
N ALA B 83 -5.44 13.86 7.26
CA ALA B 83 -5.82 15.23 7.67
C ALA B 83 -7.34 15.48 7.50
N GLU B 84 -7.90 15.12 6.35
CA GLU B 84 -9.35 15.24 6.19
C GLU B 84 -10.09 14.46 7.24
N VAL B 85 -9.69 13.23 7.44
CA VAL B 85 -10.39 12.29 8.29
C VAL B 85 -10.24 12.61 9.77
N THR B 86 -9.05 12.96 10.22
CA THR B 86 -8.89 13.25 11.64
C THR B 86 -9.35 14.68 12.01
N SER B 87 -9.84 15.40 11.01
CA SER B 87 -10.12 16.85 11.09
C SER B 87 -10.85 17.35 12.33
N LYS B 88 -12.08 16.88 12.53
CA LYS B 88 -12.92 17.35 13.61
C LYS B 88 -12.91 16.33 14.78
N LEU B 89 -11.79 15.62 14.94
CA LEU B 89 -11.72 14.45 15.86
C LEU B 89 -11.21 14.71 17.26
N ARG B 90 -10.54 15.83 17.49
CA ARG B 90 -9.97 16.12 18.81
C ARG B 90 -10.24 17.59 19.18
N PRO B 91 -11.53 17.96 19.39
CA PRO B 91 -11.88 19.38 19.55
C PRO B 91 -11.64 19.85 20.99
N ASN B 92 -11.72 18.92 21.95
CA ASN B 92 -11.44 19.19 23.37
C ASN B 92 -9.98 18.93 23.78
N LEU B 93 -9.05 19.04 22.83
CA LEU B 93 -7.63 19.12 23.15
C LEU B 93 -7.13 20.37 22.46
N ASN B 94 -5.83 20.60 22.45
CA ASN B 94 -5.32 21.83 21.87
C ASN B 94 -4.67 21.52 20.52
N GLU B 95 -4.28 22.58 19.82
CA GLU B 95 -3.77 22.43 18.49
C GLU B 95 -2.73 21.33 18.43
N ALA B 96 -1.82 21.33 19.39
CA ALA B 96 -0.71 20.39 19.37
C ALA B 96 -1.13 18.94 19.48
N GLU B 97 -1.88 18.60 20.50
CA GLU B 97 -2.28 17.21 20.68
C GLU B 97 -3.19 16.74 19.53
N ALA B 98 -4.02 17.67 19.02
CA ALA B 98 -4.82 17.46 17.80
C ALA B 98 -3.94 17.03 16.64
N PHE B 99 -3.12 17.96 16.19
CA PHE B 99 -2.07 17.72 15.24
C PHE B 99 -1.35 16.37 15.39
N MET B 100 -0.94 15.99 16.60
CA MET B 100 -0.22 14.72 16.73
C MET B 100 -0.89 13.54 16.00
N ALA B 101 -2.15 13.72 15.61
CA ALA B 101 -2.89 12.69 14.91
C ALA B 101 -2.11 12.18 13.69
N GLY B 102 -1.53 13.11 12.95
CA GLY B 102 -0.76 12.76 11.76
C GLY B 102 0.42 11.87 12.10
N PRO B 103 1.28 12.34 13.00
CA PRO B 103 2.47 11.58 13.41
C PRO B 103 2.08 10.22 13.98
N GLN B 104 0.95 10.16 14.68
CA GLN B 104 0.49 8.93 15.27
C GLN B 104 -0.03 7.99 14.18
N MET B 105 -0.54 8.57 13.10
CA MET B 105 -1.24 7.82 12.09
C MET B 105 -0.22 7.15 11.23
N HIS B 106 0.89 7.83 11.11
CA HIS B 106 1.99 7.39 10.31
C HIS B 106 2.62 6.17 10.92
N GLY B 107 2.41 5.99 12.21
CA GLY B 107 2.93 4.86 12.93
C GLY B 107 1.94 3.73 12.99
N ILE B 108 0.67 4.07 13.19
CA ILE B 108 -0.39 3.10 13.10
C ILE B 108 -0.26 2.47 11.72
N ARG B 109 -0.14 3.27 10.67
CA ARG B 109 -0.03 2.74 9.32
C ARG B 109 1.28 1.98 9.12
N GLY B 110 2.09 1.90 10.19
CA GLY B 110 3.35 1.16 10.19
C GLY B 110 4.36 1.62 9.18
N MET B 111 4.56 2.94 9.11
CA MET B 111 5.52 3.57 8.18
C MET B 111 6.73 4.11 8.90
N VAL B 112 6.51 4.66 10.10
CA VAL B 112 7.53 5.39 10.80
C VAL B 112 7.04 5.74 12.19
N GLN B 113 7.93 5.57 13.14
CA GLN B 113 7.74 6.06 14.50
C GLN B 113 8.22 7.51 14.54
N VAL B 114 7.34 8.41 14.99
CA VAL B 114 7.70 9.82 15.16
C VAL B 114 8.02 10.12 16.64
N GLU B 115 9.23 10.61 16.93
CA GLU B 115 9.62 10.95 18.31
C GLU B 115 9.82 12.44 18.32
N VAL B 116 8.96 13.13 19.03
CA VAL B 116 9.00 14.60 18.98
C VAL B 116 10.22 15.22 19.67
N ASN B 117 11.08 15.89 18.91
CA ASN B 117 12.12 16.75 19.48
C ASN B 117 11.60 18.12 19.94
N GLU B 118 10.66 18.66 19.18
CA GLU B 118 10.20 20.04 19.32
C GLU B 118 8.97 20.15 18.52
N LEU B 119 7.95 20.79 19.09
CA LEU B 119 6.78 21.15 18.32
C LEU B 119 6.08 22.34 18.92
N HIS B 120 5.88 23.38 18.11
CA HIS B 120 5.00 24.51 18.47
CA HIS B 120 4.93 24.42 18.48
C HIS B 120 4.15 24.92 17.30
N LEU B 121 2.86 25.07 17.53
CA LEU B 121 2.01 25.47 16.43
C LEU B 121 0.93 26.39 16.86
N SER B 122 0.65 27.40 16.04
CA SER B 122 -0.58 28.15 16.15
C SER B 122 -1.17 28.47 14.79
N HIS B 123 -2.37 27.91 14.59
CA HIS B 123 -3.14 28.10 13.38
C HIS B 123 -3.37 29.56 13.33
N ASP B 124 -4.01 30.08 14.38
CA ASP B 124 -4.36 31.50 14.42
C ASP B 124 -3.21 32.44 14.15
N LEU B 125 -2.09 32.28 14.84
CA LEU B 125 -0.98 33.21 14.64
C LEU B 125 -0.18 32.94 13.35
N LYS B 126 -0.52 31.84 12.69
CA LYS B 126 0.22 31.35 11.52
C LYS B 126 1.63 30.90 11.92
N GLN B 127 1.73 30.01 12.88
CA GLN B 127 3.04 29.69 13.38
C GLN B 127 3.24 28.19 13.47
N PHE B 128 4.41 27.74 13.03
CA PHE B 128 4.65 26.32 13.03
C PHE B 128 6.13 26.06 13.12
N TYR B 129 6.49 25.21 14.07
CA TYR B 129 7.79 24.62 14.02
C TYR B 129 7.74 23.20 14.60
N ALA B 130 8.10 22.27 13.74
CA ALA B 130 8.21 20.87 14.11
C ALA B 130 9.61 20.42 13.82
N ASP B 131 10.23 19.83 14.84
CA ASP B 131 11.45 19.07 14.68
C ASP B 131 11.25 17.71 15.34
N PHE B 132 11.09 16.69 14.48
CA PHE B 132 10.92 15.27 14.89
C PHE B 132 12.04 14.35 14.45
N ASN B 133 12.24 13.29 15.22
CA ASN B 133 13.00 12.15 14.77
C ASN B 133 12.01 11.10 14.22
N TRP B 134 12.36 10.52 13.06
CA TRP B 134 11.68 9.37 12.47
C TRP B 134 12.44 8.10 12.78
N LEU B 135 11.77 7.07 13.27
CA LEU B 135 12.49 5.84 13.52
C LEU B 135 11.88 4.62 12.82
N ASN B 136 12.75 3.69 12.41
CA ASN B 136 12.30 2.49 11.70
C ASN B 136 11.50 2.85 10.45
N SER B 137 11.85 3.98 9.84
CA SER B 137 11.30 4.39 8.56
C SER B 137 11.29 3.22 7.61
N PHE B 138 10.12 2.86 7.13
CA PHE B 138 10.03 1.90 6.05
C PHE B 138 10.65 2.41 4.76
N GLU B 139 10.53 3.69 4.47
CA GLU B 139 11.04 4.17 3.17
C GLU B 139 12.54 3.98 3.00
N ALA B 140 13.27 4.43 4.03
CA ALA B 140 14.71 4.17 4.28
C ALA B 140 15.09 2.74 4.03
N GLU B 141 14.37 1.81 4.66
CA GLU B 141 14.58 0.35 4.49
C GLU B 141 14.52 -0.04 3.01
N VAL B 142 13.46 0.37 2.33
CA VAL B 142 13.23 0.04 0.94
C VAL B 142 14.35 0.51 0.01
N HIS B 143 14.74 1.77 0.17
CA HIS B 143 15.75 2.41 -0.63
C HIS B 143 17.09 1.74 -0.47
N LEU B 144 17.37 1.23 0.73
CA LEU B 144 18.64 0.56 1.03
C LEU B 144 18.73 -0.73 0.23
N SER B 145 17.68 -1.54 0.34
CA SER B 145 17.67 -2.83 -0.33
C SER B 145 17.26 -2.75 -1.84
N GLU B 146 17.30 -1.55 -2.42
CA GLU B 146 17.04 -1.36 -3.84
C GLU B 146 18.23 -0.58 -4.43
N PHE B 147 18.73 0.40 -3.70
CA PHE B 147 19.77 1.30 -4.22
C PHE B 147 21.00 1.43 -3.34
N GLY B 148 20.89 0.97 -2.07
CA GLY B 148 21.93 1.12 -1.03
C GLY B 148 22.19 2.57 -0.73
N ALA B 149 23.25 2.84 0.03
CA ALA B 149 23.50 4.19 0.58
C ALA B 149 23.18 5.34 -0.39
N SER B 150 22.34 6.26 0.06
CA SER B 150 22.02 7.39 -0.78
C SER B 150 23.08 8.48 -0.64
N ASP B 151 22.99 9.49 -1.49
CA ASP B 151 23.87 10.64 -1.35
C ASP B 151 23.16 11.65 -0.47
N GLN B 152 21.84 11.54 -0.44
CA GLN B 152 20.94 12.54 0.14
C GLN B 152 19.71 11.85 0.79
N PRO B 153 18.96 12.56 1.66
CA PRO B 153 17.92 11.81 2.33
C PRO B 153 16.86 11.29 1.36
N ALA B 154 16.36 10.10 1.65
CA ALA B 154 15.56 9.28 0.72
C ALA B 154 14.13 9.04 1.16
N CYS B 155 13.76 9.45 2.37
CA CYS B 155 12.42 9.21 2.87
C CYS B 155 11.38 10.16 2.26
N TRP B 156 11.15 10.02 0.95
CA TRP B 156 10.33 10.94 0.15
C TRP B 156 8.85 10.82 0.35
N MET B 157 8.35 9.60 0.33
CA MET B 157 6.94 9.42 0.55
C MET B 157 6.57 10.02 1.91
N LEU B 158 7.34 9.64 2.91
CA LEU B 158 7.14 10.02 4.30
C LEU B 158 7.14 11.49 4.40
N LEU B 159 8.07 12.11 3.69
CA LEU B 159 8.22 13.55 3.71
C LEU B 159 6.98 14.28 3.05
N GLY B 160 6.40 13.66 2.02
CA GLY B 160 5.25 14.20 1.38
C GLY B 160 4.08 14.26 2.34
N TYR B 161 3.92 13.15 3.05
CA TYR B 161 2.84 13.01 3.99
C TYR B 161 2.92 14.14 5.00
N ALA B 162 4.13 14.29 5.55
CA ALA B 162 4.45 15.30 6.56
C ALA B 162 3.95 16.65 6.06
N CYS B 163 4.26 16.89 4.80
CA CYS B 163 4.05 18.14 4.18
C CYS B 163 2.56 18.31 3.95
N GLY B 164 1.91 17.22 3.52
CA GLY B 164 0.51 17.23 3.17
C GLY B 164 -0.32 17.38 4.40
N TYR B 165 -0.14 16.48 5.36
CA TYR B 165 -0.83 16.61 6.64
C TYR B 165 -0.68 17.99 7.27
N SER B 166 0.54 18.40 7.58
CA SER B 166 0.78 19.64 8.30
C SER B 166 0.05 20.74 7.61
N SER B 167 0.32 20.86 6.30
CA SER B 167 -0.25 21.91 5.47
C SER B 167 -1.73 22.08 5.60
N PHE B 168 -2.45 21.00 5.81
CA PHE B 168 -3.89 21.06 5.73
C PHE B 168 -4.51 21.56 7.04
N VAL B 169 -4.10 20.91 8.12
CA VAL B 169 -4.35 21.36 9.46
C VAL B 169 -4.07 22.87 9.50
N MET B 170 -2.87 23.26 9.11
CA MET B 170 -2.45 24.66 9.24
C MET B 170 -3.15 25.60 8.32
N GLY B 171 -3.77 25.05 7.27
CA GLY B 171 -4.38 25.86 6.24
C GLY B 171 -3.38 26.80 5.61
N GLN B 172 -2.10 26.45 5.65
CA GLN B 172 -1.09 27.14 4.83
C GLN B 172 0.02 26.17 4.52
N THR B 173 1.02 26.64 3.76
CA THR B 173 2.03 25.74 3.21
C THR B 173 3.13 25.44 4.19
N ILE B 174 3.10 24.23 4.73
CA ILE B 174 4.16 23.78 5.62
C ILE B 174 5.13 22.80 4.99
N ILE B 175 6.38 23.21 4.90
CA ILE B 175 7.42 22.39 4.28
C ILE B 175 8.48 21.85 5.24
N TYR B 176 8.76 20.56 5.11
CA TYR B 176 9.76 19.87 5.92
C TYR B 176 11.06 19.63 5.21
N GLN B 177 12.12 19.42 5.99
CA GLN B 177 13.35 18.94 5.38
C GLN B 177 13.94 17.75 6.17
N GLU B 178 14.22 16.64 5.49
CA GLU B 178 14.92 15.52 6.15
C GLU B 178 16.35 15.97 6.28
N THR B 179 16.84 15.87 7.49
CA THR B 179 18.11 16.45 7.85
C THR B 179 19.15 15.39 8.18
N HIS B 180 18.67 14.22 8.58
CA HIS B 180 19.52 13.06 8.70
C HIS B 180 18.61 11.98 8.28
N CYS B 181 19.18 10.95 7.68
CA CYS B 181 18.41 9.89 7.13
C CYS B 181 19.17 8.58 7.29
N VAL B 182 18.45 7.53 7.65
CA VAL B 182 19.05 6.24 7.79
C VAL B 182 19.66 5.87 6.46
N ALA B 183 19.08 6.42 5.41
CA ALA B 183 19.55 6.17 4.05
C ALA B 183 20.94 6.74 3.77
N GLN B 184 21.45 7.55 4.70
CA GLN B 184 22.81 8.10 4.59
C GLN B 184 23.75 7.56 5.67
N GLY B 185 23.34 6.50 6.38
CA GLY B 185 24.12 5.93 7.48
C GLY B 185 23.92 6.53 8.88
N ASP B 186 23.21 7.66 8.97
CA ASP B 186 22.77 8.22 10.27
C ASP B 186 21.96 7.15 11.05
N GLU B 187 21.92 7.23 12.37
CA GLU B 187 21.30 6.13 13.14
C GLU B 187 19.79 6.16 12.98
N HIS B 188 19.23 7.36 12.85
CA HIS B 188 17.82 7.50 12.52
C HIS B 188 17.69 8.67 11.61
N CYS B 189 16.47 8.97 11.18
CA CYS B 189 16.23 10.03 10.20
C CYS B 189 15.82 11.23 11.04
N ARG B 190 15.95 12.45 10.52
CA ARG B 190 15.40 13.62 11.22
C ARG B 190 14.68 14.60 10.30
N ILE B 191 13.70 15.34 10.84
CA ILE B 191 12.98 16.36 10.01
C ILE B 191 12.59 17.69 10.66
N ILE B 192 12.84 18.77 9.96
CA ILE B 192 12.38 20.05 10.41
C ILE B 192 11.27 20.59 9.48
N GLY B 193 10.11 20.87 10.06
CA GLY B 193 9.03 21.52 9.31
C GLY B 193 8.71 22.94 9.74
N LYS B 194 8.83 23.91 8.81
CA LYS B 194 8.43 25.32 9.01
C LYS B 194 7.39 25.75 7.96
N PRO B 195 6.76 26.94 8.13
CA PRO B 195 5.96 27.51 7.02
C PRO B 195 6.84 27.95 5.90
N LEU B 196 6.25 28.20 4.74
CA LEU B 196 7.03 28.33 3.52
C LEU B 196 7.98 29.54 3.61
N SER B 197 7.43 30.71 3.97
CA SER B 197 8.20 31.96 4.09
C SER B 197 9.35 31.91 5.10
N GLU B 198 9.23 31.09 6.13
CA GLU B 198 10.31 30.92 7.09
C GLU B 198 11.50 30.10 6.59
N TRP B 199 11.65 29.95 5.28
CA TRP B 199 12.86 29.29 4.72
C TRP B 199 13.78 30.29 4.08
N GLU B 200 15.07 30.22 4.45
CA GLU B 200 16.08 31.17 3.98
C GLU B 200 16.55 30.96 2.52
N ASN B 201 15.80 30.15 1.74
CA ASN B 201 16.01 30.00 0.26
C ASN B 201 14.76 30.28 -0.63
N ALA B 202 14.93 31.11 -1.65
CA ALA B 202 13.87 31.51 -2.60
C ALA B 202 14.39 31.70 -4.02
N PHE B 208 -6.56 20.74 -6.09
CA PHE B 208 -6.31 22.02 -6.72
C PHE B 208 -5.02 21.90 -7.57
N MET B 209 -4.53 23.04 -8.08
CA MET B 209 -3.23 23.09 -8.76
C MET B 209 -2.08 23.18 -7.75
N SER B 210 -2.32 23.94 -6.67
CA SER B 210 -1.31 24.20 -5.65
C SER B 210 -0.77 22.97 -4.92
N PRO B 211 -1.57 21.87 -4.79
CA PRO B 211 -0.98 20.61 -4.38
C PRO B 211 0.24 20.18 -5.20
N ASP B 212 0.23 20.50 -6.51
CA ASP B 212 1.41 20.22 -7.38
C ASP B 212 2.53 21.27 -7.22
N ALA B 213 2.14 22.55 -7.12
CA ALA B 213 3.09 23.58 -6.68
C ALA B 213 3.85 23.06 -5.43
N VAL B 214 3.14 22.67 -4.37
CA VAL B 214 3.78 22.28 -3.09
C VAL B 214 4.78 21.13 -3.19
N SER B 215 4.42 20.10 -3.95
CA SER B 215 5.32 18.98 -4.19
C SER B 215 6.60 19.49 -4.88
N ASP B 216 6.41 20.35 -5.89
CA ASP B 216 7.50 21.06 -6.57
C ASP B 216 8.39 21.73 -5.53
N GLU B 217 7.81 22.43 -4.56
CA GLU B 217 8.61 23.08 -3.51
C GLU B 217 9.42 22.09 -2.65
N ILE B 218 8.75 21.11 -2.04
CA ILE B 218 9.42 20.24 -1.10
C ILE B 218 10.44 19.33 -1.80
N ILE B 219 10.59 19.58 -3.11
CA ILE B 219 11.52 18.86 -3.95
C ILE B 219 12.86 19.58 -4.08
N ALA B 220 12.88 20.89 -3.77
CA ALA B 220 14.13 21.62 -3.74
C ALA B 220 14.84 21.24 -2.44
N LEU B 221 15.72 20.23 -2.57
CA LEU B 221 16.66 19.81 -1.53
C LEU B 221 18.04 19.84 -2.16
ZN ZN C . -12.78 -7.17 -10.90
C1 CAQ D . -4.74 -16.91 -3.99
C2 CAQ D . -5.42 -15.73 -3.70
C3 CAQ D . -6.63 -15.46 -4.36
O3 CAQ D . -7.38 -14.34 -4.15
C4 CAQ D . -7.09 -16.35 -5.30
O4 CAQ D . -8.27 -16.00 -5.87
C5 CAQ D . -6.41 -17.53 -5.63
C6 CAQ D . -5.24 -17.79 -4.96
ZN ZN E . 15.14 8.81 5.84
C1 CAQ F . 2.37 14.45 10.33
C2 CAQ F . 2.83 13.14 10.26
C3 CAQ F . 4.18 12.94 10.29
O3 CAQ F . 4.71 11.71 10.23
C4 CAQ F . 5.06 14.01 10.39
O4 CAQ F . 6.38 13.72 10.43
C5 CAQ F . 4.61 15.33 10.48
C6 CAQ F . 3.24 15.54 10.44
#